data_4QMH
#
_entry.id   4QMH
#
_cell.length_a   31.788
_cell.length_b   32.613
_cell.length_c   59.795
_cell.angle_alpha   100.05
_cell.angle_beta   95.23
_cell.angle_gamma   109.95
#
_symmetry.space_group_name_H-M   'P 1'
#
loop_
_entity.id
_entity.type
_entity.pdbx_description
1 polymer LP04448p
2 non-polymer 'SULFATE ION'
3 water water
#
_entity_poly.entity_id   1
_entity_poly.type   'polypeptide(L)'
_entity_poly.pdbx_seq_one_letter_code
;GSHMMADLLPRVDIAPQITEALLKEMSDKDWKTRNEGLTKLQAIISEARLIKPSIGDLAPALAHRLVDSNAKIAQTTLAI
CEQLATAMGAGCRNHVRNLFPGFLHALGDNKSFVRAAALNCINSFGEKGGYKEFFESEMIADALKGGSPALKTELWAWLA
DKLPGLPPKSVSKEDIHSMVPHLYAHICDRNADVRKNANEAVLGIMIHLGFDAMNRALDKQKPASKKDILAALEKARPNL
P
;
_entity_poly.pdbx_strand_id   A
#
loop_
_chem_comp.id
_chem_comp.type
_chem_comp.name
_chem_comp.formula
SO4 non-polymer 'SULFATE ION' 'O4 S -2'
#
# COMPACT_ATOMS: atom_id res chain seq x y z
N ALA A 6 -19.92 -1.83 -11.71
CA ALA A 6 -20.36 -0.61 -11.02
C ALA A 6 -21.67 -0.81 -10.26
N ASP A 7 -21.78 -0.19 -9.09
CA ASP A 7 -23.04 -0.17 -8.37
C ASP A 7 -24.07 0.70 -9.11
N LEU A 8 -25.26 0.85 -8.55
CA LEU A 8 -26.35 1.57 -9.20
C LEU A 8 -26.56 2.96 -8.60
N LEU A 9 -25.59 3.43 -7.84
CA LEU A 9 -25.64 4.81 -7.32
C LEU A 9 -25.44 5.80 -8.46
N PRO A 10 -26.07 6.98 -8.34
CA PRO A 10 -25.81 7.99 -9.36
C PRO A 10 -24.41 8.53 -9.12
N ARG A 11 -23.57 8.43 -10.15
CA ARG A 11 -22.18 8.82 -10.02
C ARG A 11 -21.81 9.83 -11.08
N VAL A 12 -21.13 10.89 -10.65
CA VAL A 12 -20.69 11.94 -11.55
C VAL A 12 -19.37 11.55 -12.21
N ASP A 13 -19.27 11.72 -13.52
CA ASP A 13 -18.00 11.55 -14.20
C ASP A 13 -17.24 12.87 -14.11
N ILE A 14 -16.17 12.91 -13.30
CA ILE A 14 -15.40 14.15 -13.15
C ILE A 14 -14.24 14.26 -14.14
N ALA A 15 -14.07 13.25 -14.99
CA ALA A 15 -12.98 13.30 -15.96
C ALA A 15 -12.91 14.62 -16.73
N PRO A 16 -14.06 15.12 -17.23
CA PRO A 16 -14.01 16.39 -17.98
C PRO A 16 -13.46 17.56 -17.17
N GLN A 17 -13.51 17.48 -15.84
CA GLN A 17 -13.02 18.55 -14.97
C GLN A 17 -11.53 18.43 -14.69
N ILE A 18 -10.95 17.28 -15.01
CA ILE A 18 -9.51 17.11 -14.86
C ILE A 18 -8.81 17.63 -16.10
N THR A 19 -8.72 18.95 -16.19
CA THR A 19 -8.23 19.62 -17.39
C THR A 19 -6.70 19.65 -17.43
N GLU A 20 -6.15 19.93 -18.61
CA GLU A 20 -4.71 20.09 -18.72
C GLU A 20 -4.25 21.21 -17.80
N ALA A 21 -5.06 22.26 -17.68
CA ALA A 21 -4.69 23.41 -16.86
C ALA A 21 -4.60 23.02 -15.39
N LEU A 22 -5.57 22.23 -14.92
CA LEU A 22 -5.55 21.77 -13.53
C LEU A 22 -4.31 20.92 -13.28
N LEU A 23 -4.02 19.98 -14.18
CA LEU A 23 -2.85 19.14 -14.01
C LEU A 23 -1.55 19.94 -14.04
N LYS A 24 -1.51 20.94 -14.91
CA LYS A 24 -0.34 21.81 -14.97
C LYS A 24 -0.14 22.59 -13.69
N GLU A 25 -1.24 23.10 -13.12
CA GLU A 25 -1.16 23.83 -11.85
C GLU A 25 -0.68 22.89 -10.73
N MET A 26 -1.22 21.68 -10.71
CA MET A 26 -0.84 20.68 -9.72
C MET A 26 0.65 20.31 -9.77
N SER A 27 1.27 20.48 -10.93
CA SER A 27 2.68 20.09 -11.08
C SER A 27 3.63 21.29 -11.23
N ASP A 28 3.15 22.48 -10.88
CA ASP A 28 3.98 23.69 -10.94
C ASP A 28 5.25 23.55 -10.09
N LYS A 29 6.30 24.28 -10.44
CA LYS A 29 7.54 24.25 -9.67
C LYS A 29 7.38 24.84 -8.25
N ASP A 30 6.37 25.70 -8.06
CA ASP A 30 6.14 26.35 -6.77
C ASP A 30 5.14 25.57 -5.94
N TRP A 31 5.55 25.13 -4.75
CA TRP A 31 4.66 24.30 -3.94
C TRP A 31 3.32 24.98 -3.62
N LYS A 32 3.34 26.30 -3.44
CA LYS A 32 2.09 27.01 -3.15
C LYS A 32 1.13 26.90 -4.31
N THR A 33 1.66 26.88 -5.53
CA THR A 33 0.82 26.73 -6.71
C THR A 33 0.29 25.30 -6.85
N ARG A 34 1.14 24.32 -6.61
CA ARG A 34 0.66 22.93 -6.54
C ARG A 34 -0.48 22.80 -5.54
N ASN A 35 -0.35 23.49 -4.41
CA ASN A 35 -1.37 23.41 -3.38
C ASN A 35 -2.70 24.00 -3.86
N GLU A 36 -2.61 25.09 -4.61
CA GLU A 36 -3.80 25.68 -5.20
C GLU A 36 -4.51 24.70 -6.12
N GLY A 37 -3.73 23.92 -6.85
CA GLY A 37 -4.29 22.89 -7.71
C GLY A 37 -5.03 21.85 -6.90
N LEU A 38 -4.40 21.39 -5.83
CA LEU A 38 -5.05 20.41 -4.97
C LEU A 38 -6.30 21.01 -4.33
N THR A 39 -6.28 22.30 -4.03
CA THR A 39 -7.45 22.95 -3.44
C THR A 39 -8.62 22.88 -4.40
N LYS A 40 -8.36 23.14 -5.68
CA LYS A 40 -9.41 23.07 -6.70
C LYS A 40 -9.91 21.63 -6.84
N LEU A 41 -8.98 20.67 -6.80
CA LEU A 41 -9.30 19.26 -6.93
C LEU A 41 -10.22 18.79 -5.80
N GLN A 42 -9.91 19.23 -4.58
CA GLN A 42 -10.69 18.85 -3.42
C GLN A 42 -12.13 19.31 -3.58
N ALA A 43 -12.30 20.51 -4.12
CA ALA A 43 -13.64 21.09 -4.31
C ALA A 43 -14.42 20.34 -5.39
N ILE A 44 -13.71 19.91 -6.44
CA ILE A 44 -14.33 19.16 -7.52
C ILE A 44 -14.89 17.84 -6.99
N ILE A 45 -14.08 17.14 -6.19
CA ILE A 45 -14.53 15.89 -5.61
C ILE A 45 -15.68 16.10 -4.61
N SER A 46 -15.55 17.08 -3.72
CA SER A 46 -16.58 17.36 -2.73
C SER A 46 -17.93 17.70 -3.38
N GLU A 47 -17.88 18.49 -4.44
CA GLU A 47 -19.12 18.94 -5.10
C GLU A 47 -19.81 17.77 -5.78
N ALA A 48 -19.03 16.86 -6.37
CA ALA A 48 -19.61 15.67 -7.00
C ALA A 48 -20.14 14.65 -5.99
N ARG A 49 -19.41 14.52 -4.89
CA ARG A 49 -19.67 13.56 -3.80
C ARG A 49 -19.42 12.10 -4.19
N LEU A 50 -20.17 11.60 -5.15
CA LEU A 50 -19.96 10.24 -5.65
C LEU A 50 -19.57 10.29 -7.11
N ILE A 51 -18.49 9.61 -7.47
CA ILE A 51 -17.92 9.73 -8.81
C ILE A 51 -17.68 8.38 -9.50
N LYS A 52 -17.58 8.42 -10.82
CA LYS A 52 -17.21 7.25 -11.60
C LYS A 52 -15.71 7.04 -11.49
N PRO A 53 -15.21 5.87 -11.91
CA PRO A 53 -13.76 5.61 -11.83
C PRO A 53 -12.93 6.35 -12.87
N SER A 54 -13.59 6.94 -13.86
CA SER A 54 -12.90 7.65 -14.93
C SER A 54 -12.46 9.03 -14.47
N ILE A 55 -11.15 9.22 -14.31
CA ILE A 55 -10.65 10.49 -13.82
C ILE A 55 -9.54 11.06 -14.72
N GLY A 56 -9.63 10.76 -16.01
CA GLY A 56 -8.66 11.29 -16.95
C GLY A 56 -7.27 10.83 -16.57
N ASP A 57 -6.33 11.77 -16.52
CA ASP A 57 -4.95 11.46 -16.15
C ASP A 57 -4.64 11.80 -14.69
N LEU A 58 -5.68 11.88 -13.86
CA LEU A 58 -5.49 12.32 -12.49
C LEU A 58 -4.65 11.37 -11.63
N ALA A 59 -4.78 10.06 -11.84
CA ALA A 59 -4.10 9.11 -10.95
C ALA A 59 -2.58 9.21 -10.99
N PRO A 60 -1.99 9.24 -12.20
CA PRO A 60 -0.53 9.41 -12.22
C PRO A 60 -0.12 10.77 -11.67
N ALA A 61 -0.94 11.79 -11.91
CA ALA A 61 -0.68 13.12 -11.38
C ALA A 61 -0.65 13.10 -9.86
N LEU A 62 -1.63 12.45 -9.24
CA LEU A 62 -1.66 12.31 -7.78
C LEU A 62 -0.49 11.49 -7.24
N ALA A 63 -0.08 10.49 -8.01
CA ALA A 63 1.03 9.65 -7.59
C ALA A 63 2.30 10.49 -7.37
N HIS A 64 2.57 11.40 -8.30
CA HIS A 64 3.71 12.30 -8.13
C HIS A 64 3.57 13.17 -6.88
N ARG A 65 2.35 13.61 -6.58
CA ARG A 65 2.15 14.47 -5.41
C ARG A 65 2.29 13.70 -4.08
N LEU A 66 1.98 12.40 -4.11
CA LEU A 66 2.14 11.57 -2.92
C LEU A 66 3.60 11.53 -2.49
N VAL A 67 4.49 11.65 -3.47
CA VAL A 67 5.95 11.67 -3.22
C VAL A 67 6.54 13.04 -3.51
N ASP A 68 5.76 14.09 -3.25
CA ASP A 68 6.21 15.45 -3.45
C ASP A 68 7.40 15.75 -2.53
N SER A 69 8.28 16.65 -2.98
CA SER A 69 9.41 17.05 -2.16
C SER A 69 8.99 17.99 -1.02
N ASN A 70 7.79 18.57 -1.15
CA ASN A 70 7.24 19.38 -0.08
C ASN A 70 6.29 18.55 0.79
N ALA A 71 6.57 18.48 2.08
CA ALA A 71 5.81 17.63 3.00
C ALA A 71 4.33 18.00 3.08
N LYS A 72 4.03 19.29 3.07
CA LYS A 72 2.64 19.75 3.12
C LYS A 72 1.84 19.21 1.94
N ILE A 73 2.43 19.29 0.75
CA ILE A 73 1.77 18.78 -0.45
C ILE A 73 1.54 17.27 -0.35
N ALA A 74 2.57 16.55 0.08
CA ALA A 74 2.46 15.10 0.21
C ALA A 74 1.37 14.70 1.20
N GLN A 75 1.27 15.42 2.30
CA GLN A 75 0.24 15.15 3.30
C GLN A 75 -1.16 15.49 2.78
N THR A 76 -1.28 16.64 2.12
CA THR A 76 -2.55 17.05 1.55
C THR A 76 -3.02 16.02 0.53
N THR A 77 -2.09 15.51 -0.24
CA THR A 77 -2.41 14.52 -1.27
C THR A 77 -2.95 13.22 -0.65
N LEU A 78 -2.40 12.79 0.48
CA LEU A 78 -2.95 11.62 1.16
C LEU A 78 -4.41 11.84 1.52
N ALA A 79 -4.70 13.03 2.08
CA ALA A 79 -6.07 13.39 2.43
C ALA A 79 -6.97 13.34 1.19
N ILE A 80 -6.48 13.89 0.08
CA ILE A 80 -7.27 13.87 -1.16
C ILE A 80 -7.52 12.45 -1.66
N CYS A 81 -6.52 11.58 -1.55
CA CYS A 81 -6.70 10.21 -2.00
C CYS A 81 -7.73 9.48 -1.15
N GLU A 82 -7.78 9.80 0.15
CA GLU A 82 -8.79 9.18 1.00
C GLU A 82 -10.17 9.65 0.57
N GLN A 83 -10.27 10.95 0.31
CA GLN A 83 -11.51 11.55 -0.19
C GLN A 83 -11.92 10.90 -1.52
N LEU A 84 -10.95 10.65 -2.38
CA LEU A 84 -11.22 10.05 -3.67
C LEU A 84 -11.76 8.63 -3.50
N ALA A 85 -11.17 7.89 -2.56
CA ALA A 85 -11.63 6.52 -2.32
C ALA A 85 -13.09 6.50 -1.91
N THR A 86 -13.43 7.38 -0.98
CA THR A 86 -14.80 7.46 -0.47
C THR A 86 -15.76 7.80 -1.61
N ALA A 87 -15.37 8.75 -2.45
CA ALA A 87 -16.22 9.18 -3.57
C ALA A 87 -16.39 8.10 -4.63
N MET A 88 -15.37 7.26 -4.79
CA MET A 88 -15.34 6.31 -5.91
C MET A 88 -15.87 4.92 -5.54
N GLY A 89 -15.86 4.61 -4.25
CA GLY A 89 -16.31 3.29 -3.82
C GLY A 89 -15.50 2.20 -4.50
N ALA A 90 -16.16 1.14 -4.99
CA ALA A 90 -15.46 0.00 -5.59
C ALA A 90 -14.55 0.38 -6.76
N GLY A 91 -14.86 1.49 -7.42
CA GLY A 91 -14.08 1.93 -8.56
C GLY A 91 -12.65 2.30 -8.19
N CYS A 92 -12.38 2.48 -6.91
CA CYS A 92 -11.04 2.90 -6.52
C CYS A 92 -9.98 1.85 -6.86
N ARG A 93 -10.38 0.58 -7.03
CA ARG A 93 -9.40 -0.47 -7.36
C ARG A 93 -8.70 -0.16 -8.68
N ASN A 94 -9.36 0.63 -9.52
CA ASN A 94 -8.81 0.98 -10.83
C ASN A 94 -7.51 1.76 -10.76
N HIS A 95 -7.25 2.36 -9.62
CA HIS A 95 -6.12 3.28 -9.48
C HIS A 95 -5.08 2.84 -8.48
N VAL A 96 -5.23 1.62 -7.99
CA VAL A 96 -4.30 1.08 -6.99
C VAL A 96 -2.86 1.02 -7.53
N ARG A 97 -2.71 0.58 -8.76
CA ARG A 97 -1.36 0.50 -9.34
C ARG A 97 -0.64 1.86 -9.37
N ASN A 98 -1.38 2.95 -9.57
CA ASN A 98 -0.77 4.28 -9.52
C ASN A 98 -0.49 4.77 -8.11
N LEU A 99 -1.43 4.54 -7.18
CA LEU A 99 -1.40 5.23 -5.90
C LEU A 99 -0.79 4.43 -4.76
N PHE A 100 -0.97 3.11 -4.80
CA PHE A 100 -0.48 2.26 -3.72
C PHE A 100 1.04 2.37 -3.48
N PRO A 101 1.86 2.38 -4.55
CA PRO A 101 3.29 2.56 -4.29
C PRO A 101 3.59 3.83 -3.49
N GLY A 102 2.83 4.89 -3.76
CA GLY A 102 3.01 6.15 -3.05
C GLY A 102 2.56 6.05 -1.59
N PHE A 103 1.46 5.37 -1.35
CA PHE A 103 1.01 5.10 0.01
C PHE A 103 2.07 4.32 0.77
N LEU A 104 2.63 3.30 0.13
CA LEU A 104 3.61 2.47 0.79
C LEU A 104 4.83 3.30 1.13
N HIS A 105 5.21 4.18 0.21
CA HIS A 105 6.40 4.97 0.45
C HIS A 105 6.21 5.92 1.63
N ALA A 106 4.99 6.43 1.81
CA ALA A 106 4.72 7.33 2.93
C ALA A 106 4.72 6.59 4.26
N LEU A 107 4.59 5.27 4.24
CA LEU A 107 4.70 4.47 5.47
C LEU A 107 6.08 4.58 6.10
N GLY A 108 7.04 5.07 5.34
CA GLY A 108 8.40 5.23 5.84
C GLY A 108 8.67 6.59 6.44
N ASP A 109 7.64 7.43 6.50
CA ASP A 109 7.81 8.80 6.94
C ASP A 109 8.29 8.85 8.40
N ASN A 110 9.10 9.86 8.71
CA ASN A 110 9.59 10.10 10.07
C ASN A 110 8.50 10.48 11.08
N LYS A 111 7.39 11.00 10.57
CA LYS A 111 6.32 11.50 11.42
C LYS A 111 5.14 10.53 11.46
N SER A 112 4.74 10.11 12.66
CA SER A 112 3.71 9.09 12.85
C SER A 112 2.36 9.45 12.24
N PHE A 113 2.00 10.73 12.25
CA PHE A 113 0.72 11.11 11.67
C PHE A 113 0.70 10.92 10.16
N VAL A 114 1.85 11.03 9.51
CA VAL A 114 1.93 10.80 8.07
C VAL A 114 1.83 9.31 7.81
N ARG A 115 2.52 8.52 8.62
CA ARG A 115 2.42 7.07 8.44
C ARG A 115 0.98 6.61 8.66
N ALA A 116 0.27 7.28 9.57
CA ALA A 116 -1.12 6.93 9.88
C ALA A 116 -2.06 7.29 8.73
N ALA A 117 -1.83 8.45 8.15
CA ALA A 117 -2.58 8.87 6.98
C ALA A 117 -2.37 7.87 5.85
N ALA A 118 -1.13 7.41 5.69
CA ALA A 118 -0.80 6.46 4.64
C ALA A 118 -1.52 5.13 4.88
N LEU A 119 -1.49 4.66 6.13
CA LEU A 119 -2.18 3.43 6.48
C LEU A 119 -3.68 3.54 6.24
N ASN A 120 -4.25 4.70 6.54
CA ASN A 120 -5.68 4.93 6.38
C ASN A 120 -6.09 4.90 4.91
N CYS A 121 -5.26 5.47 4.05
CA CYS A 121 -5.48 5.39 2.61
C CYS A 121 -5.45 3.94 2.17
N ILE A 122 -4.43 3.21 2.60
CA ILE A 122 -4.30 1.83 2.19
C ILE A 122 -5.54 1.06 2.60
N ASN A 123 -5.93 1.18 3.86
CA ASN A 123 -7.06 0.40 4.35
C ASN A 123 -8.39 0.86 3.78
N SER A 124 -8.51 2.15 3.46
CA SER A 124 -9.71 2.63 2.79
C SER A 124 -9.84 2.05 1.39
N PHE A 125 -8.75 2.09 0.61
CA PHE A 125 -8.77 1.48 -0.71
C PHE A 125 -9.02 -0.02 -0.59
N GLY A 126 -8.43 -0.65 0.42
CA GLY A 126 -8.59 -2.09 0.59
C GLY A 126 -10.04 -2.48 0.83
N GLU A 127 -10.67 -1.79 1.77
CA GLU A 127 -12.07 -2.04 2.11
C GLU A 127 -13.02 -1.77 0.95
N LYS A 128 -12.78 -0.68 0.23
CA LYS A 128 -13.71 -0.24 -0.81
C LYS A 128 -13.52 -0.98 -2.13
N GLY A 129 -12.28 -1.18 -2.53
CA GLY A 129 -12.01 -1.76 -3.82
C GLY A 129 -11.53 -3.21 -3.75
N GLY A 130 -11.24 -3.67 -2.54
CA GLY A 130 -10.70 -5.00 -2.34
C GLY A 130 -9.19 -4.97 -2.11
N TYR A 131 -8.70 -5.90 -1.32
CA TYR A 131 -7.28 -5.93 -1.01
C TYR A 131 -6.50 -6.65 -2.11
N LYS A 132 -7.22 -7.28 -3.03
CA LYS A 132 -6.61 -8.12 -4.04
C LYS A 132 -5.60 -7.35 -4.90
N GLU A 133 -5.95 -6.12 -5.26
CA GLU A 133 -5.08 -5.33 -6.11
C GLU A 133 -3.77 -4.92 -5.47
N PHE A 134 -3.65 -5.02 -4.15
CA PHE A 134 -2.40 -4.68 -3.46
C PHE A 134 -1.34 -5.76 -3.67
N PHE A 135 -1.79 -6.97 -3.95
CA PHE A 135 -0.91 -8.15 -4.00
C PHE A 135 -0.59 -8.53 -5.44
N GLU A 136 -0.04 -7.56 -6.16
CA GLU A 136 0.30 -7.68 -7.55
C GLU A 136 1.56 -6.88 -7.85
N SER A 137 2.32 -7.35 -8.82
CA SER A 137 3.43 -6.61 -9.42
C SER A 137 4.56 -6.28 -8.46
N GLU A 138 4.62 -7.02 -7.35
CA GLU A 138 5.67 -6.88 -6.35
C GLU A 138 5.75 -5.49 -5.74
N MET A 139 4.63 -4.81 -5.66
CA MET A 139 4.62 -3.48 -5.01
C MET A 139 5.08 -3.56 -3.56
N ILE A 140 4.55 -4.53 -2.84
CA ILE A 140 4.91 -4.71 -1.44
C ILE A 140 6.38 -5.14 -1.30
N ALA A 141 6.80 -6.14 -2.07
CA ALA A 141 8.19 -6.59 -2.02
C ALA A 141 9.17 -5.48 -2.37
N ASP A 142 8.83 -4.65 -3.35
CA ASP A 142 9.71 -3.57 -3.75
C ASP A 142 9.85 -2.55 -2.63
N ALA A 143 8.77 -2.31 -1.89
CA ALA A 143 8.84 -1.39 -0.75
C ALA A 143 9.68 -1.99 0.38
N LEU A 144 9.55 -3.29 0.60
CA LEU A 144 10.30 -3.95 1.67
C LEU A 144 11.79 -3.96 1.34
N LYS A 145 12.10 -4.21 0.07
CA LYS A 145 13.46 -4.38 -0.41
C LYS A 145 14.40 -3.25 0.02
N GLY A 146 14.15 -2.04 -0.47
CA GLY A 146 15.05 -0.95 -0.13
C GLY A 146 14.58 -0.17 1.07
N GLY A 147 13.67 -0.77 1.84
CA GLY A 147 12.89 0.00 2.78
C GLY A 147 13.60 0.53 4.00
N SER A 148 13.17 1.72 4.44
CA SER A 148 13.62 2.30 5.69
C SER A 148 13.09 1.46 6.85
N PRO A 149 13.73 1.57 8.02
CA PRO A 149 13.25 0.83 9.19
C PRO A 149 11.78 1.15 9.53
N ALA A 150 11.38 2.41 9.44
CA ALA A 150 9.99 2.77 9.71
C ALA A 150 9.05 2.08 8.75
N LEU A 151 9.39 2.08 7.46
CA LEU A 151 8.55 1.43 6.46
C LEU A 151 8.44 -0.07 6.73
N LYS A 152 9.57 -0.71 6.98
CA LYS A 152 9.54 -2.14 7.25
C LYS A 152 8.71 -2.45 8.49
N THR A 153 8.85 -1.64 9.52
CA THR A 153 8.04 -1.81 10.73
C THR A 153 6.55 -1.74 10.43
N GLU A 154 6.12 -0.69 9.74
CA GLU A 154 4.69 -0.51 9.44
C GLU A 154 4.18 -1.59 8.51
N LEU A 155 5.00 -1.93 7.51
CA LEU A 155 4.52 -2.82 6.46
C LEU A 155 4.40 -4.27 6.93
N TRP A 156 5.38 -4.74 7.70
CA TRP A 156 5.23 -6.06 8.31
C TRP A 156 4.04 -6.13 9.29
N ALA A 157 3.78 -5.04 10.01
CA ALA A 157 2.65 -5.04 10.93
C ALA A 157 1.37 -5.17 10.14
N TRP A 158 1.30 -4.46 9.01
CA TRP A 158 0.11 -4.46 8.19
C TRP A 158 -0.10 -5.83 7.57
N LEU A 159 0.96 -6.43 7.05
CA LEU A 159 0.84 -7.77 6.49
C LEU A 159 0.43 -8.77 7.56
N ALA A 160 1.00 -8.65 8.76
CA ALA A 160 0.69 -9.58 9.84
C ALA A 160 -0.77 -9.46 10.25
N ASP A 161 -1.27 -8.23 10.17
CA ASP A 161 -2.64 -7.92 10.55
C ASP A 161 -3.64 -8.39 9.49
N LYS A 162 -3.31 -8.19 8.22
CA LYS A 162 -4.29 -8.37 7.16
C LYS A 162 -4.29 -9.75 6.50
N LEU A 163 -3.10 -10.34 6.27
CA LEU A 163 -3.04 -11.61 5.55
C LEU A 163 -3.87 -12.75 6.18
N PRO A 164 -3.86 -12.86 7.52
CA PRO A 164 -4.62 -14.00 8.06
C PRO A 164 -6.13 -13.91 7.79
N GLY A 165 -6.64 -12.71 7.53
CA GLY A 165 -8.07 -12.53 7.33
C GLY A 165 -8.51 -12.43 5.89
N LEU A 166 -7.56 -12.56 4.97
CA LEU A 166 -7.85 -12.51 3.54
C LEU A 166 -7.99 -13.91 2.99
N PRO A 167 -9.07 -14.17 2.25
CA PRO A 167 -9.26 -15.48 1.63
C PRO A 167 -8.22 -15.68 0.53
N PRO A 168 -7.84 -16.94 0.27
CA PRO A 168 -6.80 -17.20 -0.74
C PRO A 168 -7.11 -16.60 -2.12
N LYS A 169 -8.38 -16.51 -2.51
CA LYS A 169 -8.72 -15.98 -3.82
C LYS A 169 -8.36 -14.49 -3.97
N SER A 170 -8.18 -13.82 -2.84
CA SER A 170 -7.91 -12.38 -2.83
C SER A 170 -6.43 -12.07 -2.80
N VAL A 171 -5.61 -13.11 -2.84
CA VAL A 171 -4.18 -12.94 -2.67
C VAL A 171 -3.41 -13.79 -3.66
N SER A 172 -2.65 -13.14 -4.52
CA SER A 172 -1.77 -13.83 -5.44
C SER A 172 -0.68 -14.58 -4.66
N LYS A 173 -0.62 -15.91 -4.82
CA LYS A 173 0.41 -16.69 -4.15
C LYS A 173 1.79 -16.26 -4.61
N GLU A 174 1.91 -15.97 -5.89
CA GLU A 174 3.20 -15.61 -6.45
C GLU A 174 3.69 -14.30 -5.84
N ASP A 175 2.78 -13.35 -5.62
CA ASP A 175 3.19 -12.10 -5.00
C ASP A 175 3.63 -12.31 -3.55
N ILE A 176 2.92 -13.16 -2.81
CA ILE A 176 3.39 -13.53 -1.47
C ILE A 176 4.79 -14.18 -1.53
N HIS A 177 5.01 -15.08 -2.49
CA HIS A 177 6.34 -15.64 -2.68
C HIS A 177 7.43 -14.57 -2.79
N SER A 178 7.11 -13.46 -3.46
CA SER A 178 8.10 -12.40 -3.65
C SER A 178 8.51 -11.73 -2.34
N MET A 179 7.68 -11.90 -1.30
CA MET A 179 7.97 -11.31 0.01
C MET A 179 8.89 -12.20 0.83
N VAL A 180 8.98 -13.46 0.46
CA VAL A 180 9.67 -14.44 1.32
C VAL A 180 11.16 -14.13 1.57
N PRO A 181 11.92 -13.73 0.54
CA PRO A 181 13.31 -13.38 0.85
C PRO A 181 13.42 -12.24 1.86
N HIS A 182 12.47 -11.31 1.81
CA HIS A 182 12.53 -10.17 2.71
C HIS A 182 12.11 -10.62 4.10
N LEU A 183 11.13 -11.52 4.17
CA LEU A 183 10.73 -12.06 5.46
C LEU A 183 11.93 -12.75 6.12
N TYR A 184 12.64 -13.56 5.35
CA TYR A 184 13.74 -14.34 5.91
C TYR A 184 14.91 -13.46 6.37
N ALA A 185 15.11 -12.33 5.71
CA ALA A 185 16.12 -11.39 6.17
C ALA A 185 15.64 -10.62 7.40
N HIS A 186 14.40 -10.16 7.36
CA HIS A 186 13.90 -9.23 8.39
C HIS A 186 13.55 -9.90 9.71
N ILE A 187 13.30 -11.21 9.69
CA ILE A 187 13.20 -11.99 10.91
C ILE A 187 14.45 -11.81 11.74
N CYS A 188 15.55 -11.50 11.07
CA CYS A 188 16.85 -11.32 11.71
C CYS A 188 17.36 -9.88 11.64
N ASP A 189 16.48 -8.94 11.30
CA ASP A 189 16.87 -7.56 11.10
C ASP A 189 17.58 -7.01 12.33
N ARG A 190 18.45 -6.02 12.11
CA ARG A 190 19.19 -5.40 13.21
C ARG A 190 18.24 -4.57 14.08
N ASN A 191 17.13 -4.16 13.49
CA ASN A 191 16.16 -3.31 14.17
C ASN A 191 15.14 -4.16 14.93
N ALA A 192 15.01 -3.94 16.23
CA ALA A 192 14.13 -4.75 17.07
C ALA A 192 12.65 -4.70 16.69
N ASP A 193 12.20 -3.56 16.19
CA ASP A 193 10.79 -3.38 15.80
C ASP A 193 10.51 -4.18 14.52
N VAL A 194 11.44 -4.07 13.57
CA VAL A 194 11.37 -4.85 12.33
C VAL A 194 11.34 -6.36 12.61
N ARG A 195 12.25 -6.81 13.46
CA ARG A 195 12.30 -8.22 13.84
C ARG A 195 10.97 -8.67 14.44
N LYS A 196 10.46 -7.90 15.39
CA LYS A 196 9.21 -8.26 16.05
C LYS A 196 8.08 -8.39 15.05
N ASN A 197 7.94 -7.39 14.19
CA ASN A 197 6.82 -7.37 13.26
C ASN A 197 6.96 -8.42 12.14
N ALA A 198 8.19 -8.64 11.66
CA ALA A 198 8.38 -9.66 10.63
C ALA A 198 8.07 -11.06 11.18
N ASN A 199 8.50 -11.33 12.41
CA ASN A 199 8.15 -12.61 13.02
C ASN A 199 6.64 -12.79 13.15
N GLU A 200 5.95 -11.71 13.49
CA GLU A 200 4.50 -11.76 13.62
C GLU A 200 3.81 -12.03 12.28
N ALA A 201 4.51 -11.73 11.19
CA ALA A 201 3.94 -11.88 9.85
C ALA A 201 4.17 -13.30 9.30
N VAL A 202 5.00 -14.09 9.98
CA VAL A 202 5.28 -15.44 9.49
C VAL A 202 4.01 -16.26 9.31
N LEU A 203 3.13 -16.23 10.32
CA LEU A 203 1.90 -17.02 10.25
C LEU A 203 1.03 -16.59 9.08
N GLY A 204 0.84 -15.28 8.93
CA GLY A 204 0.07 -14.76 7.82
C GLY A 204 0.58 -15.20 6.45
N ILE A 205 1.89 -15.12 6.24
CA ILE A 205 2.49 -15.60 4.99
C ILE A 205 2.22 -17.09 4.82
N MET A 206 2.43 -17.87 5.88
CA MET A 206 2.24 -19.31 5.80
C MET A 206 0.79 -19.72 5.53
N ILE A 207 -0.16 -18.92 6.01
CA ILE A 207 -1.56 -19.22 5.75
C ILE A 207 -1.83 -19.26 4.25
N HIS A 208 -1.08 -18.47 3.49
CA HIS A 208 -1.24 -18.43 2.03
C HIS A 208 -0.30 -19.36 1.26
N LEU A 209 0.90 -19.59 1.76
CA LEU A 209 1.87 -20.41 1.03
C LEU A 209 1.94 -21.84 1.57
N GLY A 210 1.70 -22.01 2.85
CA GLY A 210 1.88 -23.30 3.50
C GLY A 210 3.32 -23.58 3.94
N PHE A 211 3.47 -24.47 4.91
CA PHE A 211 4.78 -24.81 5.46
C PHE A 211 5.76 -25.37 4.42
N ASP A 212 5.31 -26.35 3.65
CA ASP A 212 6.19 -27.01 2.68
C ASP A 212 6.82 -26.04 1.69
N ALA A 213 6.01 -25.13 1.14
CA ALA A 213 6.50 -24.16 0.18
C ALA A 213 7.52 -23.21 0.82
N MET A 214 7.28 -22.82 2.07
CA MET A 214 8.19 -21.89 2.73
C MET A 214 9.49 -22.59 3.08
N ASN A 215 9.39 -23.86 3.48
CA ASN A 215 10.57 -24.64 3.76
C ASN A 215 11.41 -24.90 2.49
N ARG A 216 10.74 -25.11 1.36
CA ARG A 216 11.44 -25.27 0.09
C ARG A 216 12.19 -23.99 -0.28
N ALA A 217 11.54 -22.86 -0.05
CA ALA A 217 12.15 -21.55 -0.31
C ALA A 217 13.38 -21.36 0.56
N LEU A 218 13.30 -21.82 1.81
CA LEU A 218 14.42 -21.70 2.72
C LEU A 218 15.61 -22.50 2.20
N ASP A 219 15.35 -23.73 1.75
CA ASP A 219 16.41 -24.58 1.24
C ASP A 219 17.04 -24.02 -0.04
N LYS A 220 16.21 -23.52 -0.94
CA LYS A 220 16.69 -23.02 -2.22
C LYS A 220 17.46 -21.71 -2.10
N GLN A 221 16.95 -20.80 -1.28
CA GLN A 221 17.53 -19.46 -1.18
C GLN A 221 18.76 -19.42 -0.27
N LYS A 222 18.88 -20.42 0.61
CA LYS A 222 20.04 -20.51 1.49
C LYS A 222 20.36 -19.20 2.19
N PRO A 223 19.35 -18.57 2.81
CA PRO A 223 19.68 -17.32 3.52
C PRO A 223 20.52 -17.64 4.75
N ALA A 224 21.12 -16.62 5.35
CA ALA A 224 21.83 -16.75 6.60
C ALA A 224 20.85 -17.06 7.72
N SER A 225 21.34 -17.65 8.81
CA SER A 225 20.53 -17.92 9.99
C SER A 225 19.42 -18.91 9.68
N LYS A 226 19.74 -19.93 8.88
CA LYS A 226 18.77 -20.96 8.51
C LYS A 226 18.08 -21.57 9.73
N LYS A 227 18.84 -21.76 10.81
CA LYS A 227 18.29 -22.36 12.02
C LYS A 227 17.19 -21.51 12.65
N ASP A 228 17.39 -20.19 12.67
CA ASP A 228 16.40 -19.28 13.19
C ASP A 228 15.19 -19.13 12.28
N ILE A 229 15.40 -19.15 10.98
CA ILE A 229 14.28 -19.08 10.03
C ILE A 229 13.44 -20.34 10.15
N LEU A 230 14.08 -21.50 10.21
CA LEU A 230 13.36 -22.75 10.34
C LEU A 230 12.60 -22.77 11.68
N ALA A 231 13.23 -22.27 12.73
CA ALA A 231 12.56 -22.20 14.03
C ALA A 231 11.27 -21.39 13.94
N ALA A 232 11.32 -20.27 13.22
CA ALA A 232 10.14 -19.44 13.01
C ALA A 232 9.04 -20.16 12.23
N LEU A 233 9.44 -20.90 11.20
CA LEU A 233 8.46 -21.66 10.43
C LEU A 233 7.83 -22.72 11.32
N GLU A 234 8.65 -23.37 12.15
CA GLU A 234 8.12 -24.44 13.00
C GLU A 234 7.22 -23.89 14.10
N LYS A 235 7.54 -22.68 14.57
CA LYS A 235 6.74 -22.04 15.61
C LYS A 235 5.34 -21.66 15.10
N ALA A 236 5.24 -21.28 13.82
CA ALA A 236 3.99 -20.81 13.24
C ALA A 236 3.08 -21.95 12.81
N ARG A 237 3.68 -23.03 12.34
CA ARG A 237 2.94 -24.14 11.76
C ARG A 237 1.76 -24.66 12.59
N PRO A 238 1.97 -24.90 13.89
CA PRO A 238 0.87 -25.46 14.69
C PRO A 238 -0.29 -24.48 14.85
N ASN A 239 -0.10 -23.23 14.44
CA ASN A 239 -1.15 -22.21 14.55
C ASN A 239 -1.91 -21.98 13.25
N LEU A 240 -1.56 -22.74 12.22
CA LEU A 240 -2.28 -22.65 10.96
C LEU A 240 -3.70 -23.17 11.13
N PRO A 241 -4.65 -22.65 10.34
CA PRO A 241 -6.02 -23.16 10.36
C PRO A 241 -6.05 -24.65 10.01
S SO4 B . -10.89 -8.54 -1.02
O1 SO4 B . -12.22 -8.15 -1.49
O2 SO4 B . -10.45 -7.64 0.03
O3 SO4 B . -10.95 -9.90 -0.47
O4 SO4 B . -9.96 -8.51 -2.16
#